data_6P4R
#
_entry.id   6P4R
#
_cell.length_a   60.916
_cell.length_b   96.827
_cell.length_c   118.928
_cell.angle_alpha   90.00
_cell.angle_beta   90.00
_cell.angle_gamma   90.00
#
_symmetry.space_group_name_H-M   'P 21 21 21'
#
loop_
_entity.id
_entity.type
_entity.pdbx_description
1 polymer 'Putative pertussis-like toxin subunit'
2 branched 'N-acetyl-alpha-neuraminic acid-(2-6)-beta-D-galactopyranose-(1-4)-2-acetamido-2-deoxy-beta-D-glucopyranose'
3 water water
#
_entity_poly.entity_id   1
_entity_poly.type   'polypeptide(L)'
_entity_poly.pdbx_seq_one_letter_code
;MYMSKYVPVYTLLILIYSFNASAEWTGDKTNAYYSDEVISELHVGQIDTSPYFCIKTVKANGSGTPVVACAVSKQSIWAP
SFKELLDQARYFYSTGQSVRIHVQKNIWTYPLFVNTFSANALVGLSSCSATQCFGPKLEHHHHHH
;
_entity_poly.pdbx_strand_id   A,B,C,D,E
#
# COMPACT_ATOMS: atom_id res chain seq x y z
N GLU A 24 27.54 -4.39 -6.98
CA GLU A 24 27.25 -3.60 -5.79
C GLU A 24 26.35 -4.39 -4.87
N TRP A 25 26.44 -4.11 -3.57
CA TRP A 25 25.57 -4.75 -2.60
C TRP A 25 25.48 -3.83 -1.40
N THR A 26 24.26 -3.67 -0.88
CA THR A 26 24.06 -3.01 0.42
C THR A 26 25.20 -3.30 1.40
N GLY A 27 25.61 -4.58 1.48
CA GLY A 27 26.56 -5.06 2.47
C GLY A 27 28.02 -4.90 2.13
N ASP A 28 28.35 -4.34 0.96
CA ASP A 28 29.75 -4.09 0.61
C ASP A 28 30.45 -3.35 1.74
N LYS A 29 31.68 -3.76 2.05
CA LYS A 29 32.39 -3.14 3.17
C LYS A 29 32.70 -1.68 2.90
N THR A 30 32.68 -1.26 1.63
CA THR A 30 32.94 0.12 1.26
C THR A 30 31.75 1.05 1.54
N ASN A 31 30.55 0.49 1.76
CA ASN A 31 29.46 1.30 2.28
C ASN A 31 29.63 1.54 3.78
N ALA A 32 28.70 2.26 4.38
CA ALA A 32 28.81 2.64 5.78
C ALA A 32 27.50 2.30 6.48
N TYR A 33 27.58 1.77 7.70
CA TYR A 33 26.34 1.43 8.39
C TYR A 33 26.41 1.88 9.84
N TYR A 34 25.22 2.02 10.44
CA TYR A 34 25.08 2.56 11.79
C TYR A 34 24.00 1.73 12.48
N SER A 35 24.39 0.98 13.51
CA SER A 35 23.49 0.08 14.23
C SER A 35 22.74 0.80 15.35
N ASP A 36 21.67 0.17 15.84
CA ASP A 36 20.94 0.64 17.01
C ASP A 36 20.44 2.07 16.85
N GLU A 37 19.90 2.38 15.67
CA GLU A 37 19.35 3.67 15.31
C GLU A 37 17.83 3.59 15.30
N VAL A 38 17.20 4.77 15.30
CA VAL A 38 15.77 4.89 15.03
C VAL A 38 15.59 5.99 14.00
N ILE A 39 14.55 5.86 13.17
CA ILE A 39 14.26 6.88 12.16
C ILE A 39 13.44 7.97 12.82
N SER A 40 14.02 9.15 12.95
CA SER A 40 13.33 10.21 13.67
C SER A 40 12.64 11.22 12.77
N GLU A 41 13.02 11.33 11.49
CA GLU A 41 12.36 12.27 10.58
C GLU A 41 12.32 11.68 9.17
N LEU A 42 11.35 12.17 8.39
CA LEU A 42 11.09 11.73 7.02
C LEU A 42 10.67 12.92 6.18
N HIS A 43 11.25 13.05 4.98
CA HIS A 43 10.97 14.13 4.02
C HIS A 43 10.77 13.52 2.64
N VAL A 44 9.80 14.05 1.89
CA VAL A 44 9.53 13.62 0.52
C VAL A 44 9.49 14.85 -0.39
N GLY A 45 10.09 14.75 -1.57
CA GLY A 45 10.10 15.87 -2.49
C GLY A 45 10.44 15.39 -3.89
N GLN A 46 10.89 16.34 -4.71
CA GLN A 46 11.29 16.08 -6.10
C GLN A 46 12.48 16.96 -6.46
N ILE A 47 13.40 16.41 -7.25
CA ILE A 47 14.52 17.19 -7.77
C ILE A 47 14.85 16.67 -9.16
N ASP A 48 14.99 17.60 -10.11
CA ASP A 48 15.38 17.28 -11.49
C ASP A 48 14.53 16.14 -12.07
N THR A 49 13.20 16.32 -11.98
CA THR A 49 12.15 15.41 -12.44
C THR A 49 12.12 14.09 -11.67
N SER A 50 12.88 13.95 -10.59
CA SER A 50 12.84 12.68 -9.87
C SER A 50 12.24 12.84 -8.48
N PRO A 51 11.28 12.00 -8.12
CA PRO A 51 10.92 11.85 -6.69
C PRO A 51 12.16 11.48 -5.88
N TYR A 52 12.17 11.93 -4.63
CA TYR A 52 13.20 11.52 -3.69
C TYR A 52 12.62 11.54 -2.28
N PHE A 53 13.29 10.84 -1.38
CA PHE A 53 13.00 11.01 0.03
C PHE A 53 14.31 10.98 0.80
N CYS A 54 14.25 11.53 2.01
CA CYS A 54 15.37 11.52 2.93
C CYS A 54 14.83 11.13 4.29
N ILE A 55 15.70 10.51 5.08
CA ILE A 55 15.40 10.17 6.46
C ILE A 55 16.53 10.69 7.33
N LYS A 56 16.21 10.95 8.59
CA LYS A 56 17.18 11.27 9.62
C LYS A 56 17.08 10.17 10.67
N THR A 57 18.22 9.64 11.09
CA THR A 57 18.24 8.63 12.13
C THR A 57 19.14 9.10 13.26
N VAL A 58 18.83 8.66 14.47
CA VAL A 58 19.64 8.92 15.65
C VAL A 58 19.76 7.62 16.42
N LYS A 59 20.82 7.50 17.23
CA LYS A 59 20.96 6.35 18.12
C LYS A 59 19.72 6.24 19.02
N ALA A 60 19.22 5.01 19.17
CA ALA A 60 18.09 4.79 20.06
C ALA A 60 18.39 5.33 21.45
N ASN A 61 19.62 5.12 21.94
CA ASN A 61 19.94 5.54 23.30
C ASN A 61 20.29 7.02 23.43
N GLY A 62 20.27 7.80 22.35
CA GLY A 62 20.49 9.23 22.43
C GLY A 62 21.93 9.68 22.23
N SER A 63 22.88 8.77 22.21
CA SER A 63 24.29 9.11 22.04
C SER A 63 24.58 9.46 20.59
N GLY A 64 25.74 10.08 20.37
CA GLY A 64 26.22 10.33 19.02
C GLY A 64 25.47 11.46 18.35
N THR A 65 25.63 11.53 17.03
CA THR A 65 25.05 12.57 16.18
C THR A 65 24.16 11.92 15.11
N PRO A 66 23.32 12.67 14.42
CA PRO A 66 22.37 12.06 13.48
C PRO A 66 23.02 11.59 12.20
N VAL A 67 22.35 10.66 11.53
CA VAL A 67 22.71 10.21 10.19
C VAL A 67 21.59 10.65 9.26
N VAL A 68 21.93 11.22 8.11
CA VAL A 68 20.94 11.63 7.13
C VAL A 68 21.25 10.93 5.82
N ALA A 69 20.23 10.38 5.17
CA ALA A 69 20.47 9.69 3.92
C ALA A 69 19.25 9.86 3.04
N CYS A 70 19.47 9.88 1.72
CA CYS A 70 18.40 10.11 0.78
C CYS A 70 18.45 9.06 -0.33
N ALA A 71 17.30 8.83 -0.94
CA ALA A 71 17.19 7.99 -2.13
C ALA A 71 16.53 8.83 -3.22
N VAL A 72 17.03 8.73 -4.45
CA VAL A 72 16.55 9.54 -5.57
C VAL A 72 16.14 8.58 -6.68
N SER A 73 14.84 8.58 -7.00
CA SER A 73 14.18 7.50 -7.72
C SER A 73 14.82 7.22 -9.08
N LYS A 74 15.20 8.27 -9.81
CA LYS A 74 15.74 8.08 -11.16
C LYS A 74 17.26 7.97 -11.21
N GLN A 75 17.96 8.06 -10.07
CA GLN A 75 19.40 8.34 -10.04
C GLN A 75 20.19 7.27 -9.30
N SER A 76 21.38 6.94 -9.85
CA SER A 76 22.39 6.08 -9.26
C SER A 76 22.03 4.60 -9.39
N ILE A 77 23.03 3.73 -9.18
CA ILE A 77 22.83 2.29 -9.31
C ILE A 77 21.78 1.79 -8.33
N TRP A 78 21.49 2.55 -7.26
CA TRP A 78 20.50 2.16 -6.26
C TRP A 78 19.07 2.52 -6.64
N ALA A 79 18.87 3.21 -7.76
CA ALA A 79 17.53 3.61 -8.20
C ALA A 79 16.49 2.48 -8.19
N PRO A 80 16.78 1.25 -8.60
CA PRO A 80 15.74 0.22 -8.60
C PRO A 80 15.09 -0.01 -7.24
N SER A 81 15.81 0.25 -6.14
CA SER A 81 15.33 -0.05 -4.80
C SER A 81 14.57 1.10 -4.17
N PHE A 82 14.30 2.18 -4.93
CA PHE A 82 13.71 3.38 -4.34
C PHE A 82 12.39 3.08 -3.64
N LYS A 83 11.46 2.40 -4.32
CA LYS A 83 10.16 2.17 -3.70
C LYS A 83 10.27 1.24 -2.51
N GLU A 84 11.06 0.17 -2.65
CA GLU A 84 11.26 -0.76 -1.54
C GLU A 84 11.81 -0.03 -0.32
N LEU A 85 12.81 0.84 -0.53
CA LEU A 85 13.41 1.60 0.57
C LEU A 85 12.43 2.61 1.15
N LEU A 86 11.68 3.33 0.30
CA LEU A 86 10.68 4.28 0.81
C LEU A 86 9.65 3.57 1.68
N ASP A 87 9.08 2.47 1.16
CA ASP A 87 8.07 1.73 1.92
C ASP A 87 8.63 1.23 3.24
N GLN A 88 9.86 0.71 3.22
CA GLN A 88 10.42 0.18 4.46
C GLN A 88 10.78 1.29 5.42
N ALA A 89 11.32 2.41 4.92
CA ALA A 89 11.59 3.56 5.77
C ALA A 89 10.31 4.07 6.44
N ARG A 90 9.21 4.13 5.69
CA ARG A 90 7.95 4.58 6.27
C ARG A 90 7.50 3.68 7.40
N TYR A 91 7.63 2.36 7.21
CA TYR A 91 7.20 1.46 8.26
C TYR A 91 8.05 1.61 9.51
N PHE A 92 9.39 1.59 9.36
CA PHE A 92 10.25 1.72 10.53
C PHE A 92 10.11 3.10 11.17
N TYR A 93 9.79 4.12 10.37
CA TYR A 93 9.53 5.44 10.92
C TYR A 93 8.25 5.46 11.74
N SER A 94 7.22 4.74 11.27
CA SER A 94 5.95 4.70 11.98
C SER A 94 6.04 3.94 13.29
N THR A 95 6.93 2.94 13.38
CA THR A 95 7.05 2.19 14.63
C THR A 95 8.05 2.80 15.60
N GLY A 96 9.08 3.48 15.10
CA GLY A 96 10.18 3.87 15.97
C GLY A 96 11.03 2.72 16.47
N GLN A 97 10.99 1.57 15.81
CA GLN A 97 11.79 0.43 16.25
C GLN A 97 13.26 0.63 15.88
N SER A 98 14.14 -0.08 16.60
CA SER A 98 15.56 0.05 16.34
C SER A 98 15.92 -0.59 15.00
N VAL A 99 16.86 0.03 14.29
CA VAL A 99 17.23 -0.39 12.93
C VAL A 99 18.73 -0.17 12.75
N ARG A 100 19.28 -0.84 11.74
CA ARG A 100 20.59 -0.49 11.21
C ARG A 100 20.38 0.19 9.86
N ILE A 101 20.97 1.36 9.69
CA ILE A 101 20.87 2.10 8.42
C ILE A 101 22.16 1.87 7.66
N HIS A 102 22.04 1.61 6.36
CA HIS A 102 23.18 1.39 5.47
C HIS A 102 23.19 2.51 4.44
N VAL A 103 24.36 3.16 4.26
CA VAL A 103 24.48 4.24 3.28
C VAL A 103 25.72 4.06 2.41
N GLN A 104 25.70 4.71 1.26
CA GLN A 104 26.91 4.96 0.48
C GLN A 104 27.21 6.45 0.55
N LYS A 105 28.41 6.79 1.03
CA LYS A 105 28.72 8.20 1.22
C LYS A 105 29.08 8.88 -0.10
N ASN A 106 28.98 10.22 -0.10
CA ASN A 106 29.53 11.07 -1.18
C ASN A 106 28.93 10.75 -2.55
N ILE A 107 27.60 10.61 -2.61
CA ILE A 107 26.93 10.38 -3.89
C ILE A 107 26.25 11.63 -4.42
N TRP A 108 25.38 12.26 -3.64
CA TRP A 108 24.59 13.37 -4.16
C TRP A 108 25.46 14.62 -4.29
N THR A 109 25.12 15.50 -5.24
CA THR A 109 26.03 16.59 -5.62
C THR A 109 25.43 18.00 -5.61
N TYR A 110 24.12 18.18 -5.73
CA TYR A 110 23.60 19.54 -5.77
C TYR A 110 23.86 20.22 -4.44
N PRO A 111 24.66 21.31 -4.38
CA PRO A 111 25.17 21.77 -3.08
C PRO A 111 24.09 22.10 -2.05
N LEU A 112 23.00 22.76 -2.44
CA LEU A 112 21.97 23.09 -1.47
C LEU A 112 21.26 21.84 -0.97
N PHE A 113 21.06 20.85 -1.84
CA PHE A 113 20.51 19.56 -1.43
C PHE A 113 21.42 18.88 -0.41
N VAL A 114 22.71 18.81 -0.71
CA VAL A 114 23.65 18.18 0.22
C VAL A 114 23.68 18.91 1.55
N ASN A 115 23.66 20.25 1.51
CA ASN A 115 23.73 21.03 2.74
C ASN A 115 22.46 20.90 3.57
N THR A 116 21.30 20.77 2.90
CA THR A 116 20.04 20.57 3.62
C THR A 116 19.98 19.16 4.22
N PHE A 117 20.42 18.17 3.46
CA PHE A 117 20.28 16.77 3.85
C PHE A 117 21.69 16.22 4.01
N SER A 118 22.20 15.47 3.03
CA SER A 118 23.58 15.01 2.99
C SER A 118 23.86 14.46 1.60
N ALA A 119 25.11 14.00 1.39
CA ALA A 119 25.43 13.31 0.16
C ALA A 119 25.25 11.79 0.26
N ASN A 120 24.79 11.28 1.42
CA ASN A 120 24.61 9.84 1.58
C ASN A 120 23.42 9.32 0.78
N ALA A 121 23.66 8.28 0.00
CA ALA A 121 22.59 7.47 -0.58
C ALA A 121 22.17 6.38 0.41
N LEU A 122 20.87 6.26 0.63
CA LEU A 122 20.33 5.18 1.42
C LEU A 122 20.38 3.89 0.61
N VAL A 123 21.02 2.86 1.15
CA VAL A 123 21.18 1.61 0.40
C VAL A 123 20.63 0.39 1.11
N GLY A 124 20.16 0.53 2.35
CA GLY A 124 19.53 -0.61 3.00
C GLY A 124 19.03 -0.24 4.39
N LEU A 125 18.06 -1.04 4.87
CA LEU A 125 17.56 -0.90 6.24
C LEU A 125 17.37 -2.28 6.85
N SER A 126 17.83 -2.46 8.08
CA SER A 126 17.80 -3.74 8.77
C SER A 126 17.08 -3.56 10.10
N SER A 127 16.15 -4.46 10.42
CA SER A 127 15.57 -4.44 11.77
C SER A 127 16.62 -4.89 12.79
N CYS A 128 16.46 -4.45 14.04
CA CYS A 128 17.44 -4.74 15.09
C CYS A 128 16.75 -5.10 16.40
N SER A 129 15.83 -6.05 16.36
CA SER A 129 15.06 -6.30 17.57
C SER A 129 15.72 -7.28 18.53
N ALA A 130 16.86 -7.86 18.15
CA ALA A 130 17.55 -8.82 18.99
C ALA A 130 18.96 -8.32 19.31
N THR A 131 19.88 -9.25 19.58
CA THR A 131 21.20 -8.83 20.06
C THR A 131 21.97 -8.10 18.98
N GLN A 132 22.00 -8.64 17.76
CA GLN A 132 22.65 -7.99 16.64
C GLN A 132 21.63 -7.71 15.55
N CYS A 133 21.82 -6.61 14.83
CA CYS A 133 20.88 -6.25 13.77
C CYS A 133 20.86 -7.31 12.67
N PHE A 134 19.70 -7.51 12.07
CA PHE A 134 19.52 -8.49 11.00
C PHE A 134 19.96 -7.87 9.67
N GLY A 135 21.27 -7.85 9.45
CA GLY A 135 21.80 -7.30 8.23
C GLY A 135 23.31 -7.44 8.19
N PRO A 136 23.91 -7.04 7.08
CA PRO A 136 25.37 -7.20 6.95
C PRO A 136 26.11 -6.26 7.88
N LYS A 137 27.31 -6.71 8.27
CA LYS A 137 28.15 -6.03 9.25
C LYS A 137 29.62 -6.18 8.87
N GLU B 24 14.75 21.96 -11.25
CA GLU B 24 13.76 22.32 -10.23
C GLU B 24 13.97 21.48 -8.98
N TRP B 25 13.51 21.98 -7.83
CA TRP B 25 13.66 21.25 -6.59
C TRP B 25 12.64 21.79 -5.59
N THR B 26 12.02 20.87 -4.85
CA THR B 26 11.23 21.21 -3.68
C THR B 26 11.77 22.43 -2.94
N GLY B 27 13.08 22.44 -2.71
CA GLY B 27 13.71 23.45 -1.88
C GLY B 27 14.18 24.70 -2.61
N ASP B 28 13.85 24.86 -3.88
CA ASP B 28 14.14 26.12 -4.58
C ASP B 28 13.60 27.31 -3.79
N LYS B 29 14.35 28.40 -3.79
CA LYS B 29 13.98 29.60 -3.03
C LYS B 29 12.73 30.27 -3.61
N THR B 30 12.42 30.01 -4.86
CA THR B 30 11.21 30.54 -5.49
C THR B 30 9.97 29.78 -5.12
N ASN B 31 10.11 28.63 -4.46
CA ASN B 31 8.97 27.96 -3.87
C ASN B 31 8.64 28.60 -2.52
N ALA B 32 7.53 28.17 -1.93
CA ALA B 32 7.06 28.70 -0.65
C ALA B 32 6.84 27.54 0.30
N TYR B 33 7.06 27.77 1.59
CA TYR B 33 6.82 26.70 2.54
C TYR B 33 6.24 27.28 3.82
N TYR B 34 5.55 26.41 4.56
CA TYR B 34 4.86 26.79 5.79
C TYR B 34 5.15 25.71 6.81
N SER B 35 5.74 26.10 7.95
CA SER B 35 6.12 25.15 8.98
C SER B 35 5.02 24.94 10.02
N ASP B 36 5.14 23.83 10.76
CA ASP B 36 4.26 23.50 11.88
C ASP B 36 2.79 23.54 11.47
N GLU B 37 2.51 22.89 10.34
CA GLU B 37 1.16 22.79 9.82
C GLU B 37 0.61 21.38 10.08
N VAL B 38 -0.69 21.27 10.23
CA VAL B 38 -1.37 19.99 10.40
C VAL B 38 -2.27 19.78 9.19
N ILE B 39 -2.15 18.62 8.54
CA ILE B 39 -3.01 18.34 7.39
C ILE B 39 -4.40 18.02 7.93
N SER B 40 -5.36 18.90 7.68
CA SER B 40 -6.64 18.78 8.35
C SER B 40 -7.75 18.24 7.45
N GLU B 41 -7.55 18.25 6.13
CA GLU B 41 -8.55 17.77 5.18
C GLU B 41 -7.84 17.17 3.97
N LEU B 42 -8.53 16.25 3.29
CA LEU B 42 -8.00 15.53 2.15
C LEU B 42 -9.14 15.27 1.16
N HIS B 43 -8.91 15.55 -0.13
CA HIS B 43 -9.91 15.38 -1.17
C HIS B 43 -9.26 14.70 -2.36
N VAL B 44 -9.95 13.72 -2.96
CA VAL B 44 -9.48 13.06 -4.17
C VAL B 44 -10.54 13.22 -5.26
N GLY B 45 -10.08 13.52 -6.48
CA GLY B 45 -11.00 13.72 -7.58
C GLY B 45 -10.29 13.51 -8.91
N GLN B 46 -10.96 13.93 -9.99
CA GLN B 46 -10.36 13.89 -11.32
C GLN B 46 -10.59 15.22 -12.02
N ILE B 47 -9.59 15.68 -12.78
CA ILE B 47 -9.76 16.85 -13.64
C ILE B 47 -8.94 16.67 -14.91
N ASP B 48 -9.58 16.95 -16.06
CA ASP B 48 -8.95 16.94 -17.40
C ASP B 48 -8.03 15.73 -17.62
N THR B 49 -8.62 14.54 -17.43
CA THR B 49 -8.08 13.19 -17.61
C THR B 49 -7.19 12.72 -16.46
N SER B 50 -6.98 13.55 -15.42
CA SER B 50 -5.97 13.28 -14.40
C SER B 50 -6.61 13.11 -13.03
N PRO B 51 -6.36 12.00 -12.34
CA PRO B 51 -6.64 11.99 -10.90
C PRO B 51 -5.83 13.08 -10.22
N TYR B 52 -6.41 13.67 -9.18
CA TYR B 52 -5.70 14.66 -8.39
C TYR B 52 -6.11 14.52 -6.93
N PHE B 53 -5.33 15.11 -6.04
CA PHE B 53 -5.75 15.25 -4.65
C PHE B 53 -5.38 16.65 -4.19
N CYS B 54 -6.12 17.13 -3.19
CA CYS B 54 -5.79 18.38 -2.52
C CYS B 54 -5.77 18.14 -1.03
N ILE B 55 -4.97 18.93 -0.33
CA ILE B 55 -4.96 18.91 1.13
C ILE B 55 -5.20 20.33 1.61
N LYS B 56 -5.76 20.43 2.80
CA LYS B 56 -5.84 21.68 3.54
C LYS B 56 -4.99 21.53 4.80
N THR B 57 -4.20 22.54 5.11
CA THR B 57 -3.39 22.52 6.32
C THR B 57 -3.66 23.78 7.14
N VAL B 58 -3.55 23.63 8.46
CA VAL B 58 -3.71 24.75 9.39
C VAL B 58 -2.56 24.74 10.37
N LYS B 59 -2.21 25.92 10.87
CA LYS B 59 -1.17 25.99 11.88
C LYS B 59 -1.53 25.11 13.07
N ALA B 60 -0.54 24.36 13.56
CA ALA B 60 -0.74 23.58 14.78
C ALA B 60 -1.16 24.46 15.95
N ASN B 61 -0.68 25.71 16.01
CA ASN B 61 -1.02 26.58 17.13
C ASN B 61 -2.35 27.28 16.94
N GLY B 62 -3.06 27.03 15.85
CA GLY B 62 -4.39 27.59 15.65
C GLY B 62 -4.42 29.00 15.06
N SER B 63 -3.28 29.58 14.75
CA SER B 63 -3.20 30.92 14.20
C SER B 63 -3.25 30.89 12.68
N GLY B 64 -3.31 32.06 12.08
CA GLY B 64 -3.19 32.20 10.65
C GLY B 64 -4.39 31.72 9.87
N THR B 65 -4.18 31.57 8.57
CA THR B 65 -5.18 31.09 7.63
C THR B 65 -4.72 29.79 6.96
N PRO B 66 -5.65 28.96 6.51
CA PRO B 66 -5.24 27.63 6.01
C PRO B 66 -4.43 27.73 4.74
N VAL B 67 -3.62 26.72 4.51
CA VAL B 67 -2.90 26.55 3.25
C VAL B 67 -3.58 25.43 2.49
N VAL B 68 -3.79 25.63 1.18
CA VAL B 68 -4.39 24.60 0.33
C VAL B 68 -3.43 24.35 -0.82
N ALA B 69 -3.20 23.07 -1.13
CA ALA B 69 -2.31 22.72 -2.22
C ALA B 69 -2.79 21.43 -2.85
N CYS B 70 -2.50 21.26 -4.13
CA CYS B 70 -2.98 20.10 -4.87
C CYS B 70 -1.84 19.54 -5.70
N ALA B 71 -1.98 18.25 -6.04
CA ALA B 71 -1.08 17.58 -6.99
C ALA B 71 -1.95 16.92 -8.04
N VAL B 72 -1.55 17.02 -9.30
CA VAL B 72 -2.38 16.54 -10.40
C VAL B 72 -1.56 15.58 -11.23
N SER B 73 -2.06 14.34 -11.36
CA SER B 73 -1.33 13.32 -12.08
C SER B 73 -1.04 13.77 -13.51
N LYS B 74 0.22 13.59 -13.94
CA LYS B 74 0.67 13.88 -15.30
C LYS B 74 0.49 15.34 -15.70
N GLN B 75 0.41 16.26 -14.73
CA GLN B 75 0.33 17.68 -15.03
C GLN B 75 1.34 18.45 -14.18
N SER B 76 1.98 19.45 -14.80
CA SER B 76 3.00 20.31 -14.20
C SER B 76 4.33 19.56 -14.08
N ILE B 77 5.40 20.30 -13.80
CA ILE B 77 6.71 19.69 -13.71
C ILE B 77 6.79 18.69 -12.56
N TRP B 78 5.87 18.79 -11.59
CA TRP B 78 5.84 17.98 -10.38
C TRP B 78 5.13 16.65 -10.56
N ALA B 79 4.58 16.38 -11.74
CA ALA B 79 3.86 15.15 -12.01
C ALA B 79 4.59 13.88 -11.59
N PRO B 80 5.90 13.74 -11.78
CA PRO B 80 6.56 12.48 -11.39
C PRO B 80 6.36 12.11 -9.92
N SER B 81 6.17 13.08 -9.03
CA SER B 81 6.08 12.79 -7.63
C SER B 81 4.64 12.69 -7.12
N PHE B 82 3.68 12.56 -8.04
CA PHE B 82 2.27 12.53 -7.64
C PHE B 82 1.99 11.42 -6.63
N LYS B 83 2.37 10.18 -6.97
CA LYS B 83 2.03 9.05 -6.10
C LYS B 83 2.76 9.16 -4.76
N GLU B 84 4.04 9.52 -4.79
CA GLU B 84 4.81 9.68 -3.57
C GLU B 84 4.17 10.69 -2.63
N LEU B 85 3.73 11.83 -3.17
CA LEU B 85 3.17 12.87 -2.32
C LEU B 85 1.78 12.49 -1.83
N LEU B 86 0.99 11.83 -2.66
CA LEU B 86 -0.32 11.35 -2.22
C LEU B 86 -0.17 10.39 -1.05
N ASP B 87 0.71 9.40 -1.19
CA ASP B 87 0.92 8.45 -0.09
C ASP B 87 1.41 9.16 1.16
N GLN B 88 2.34 10.10 1.00
CA GLN B 88 2.87 10.81 2.17
C GLN B 88 1.83 11.72 2.81
N ALA B 89 1.04 12.42 1.98
CA ALA B 89 -0.05 13.24 2.53
C ALA B 89 -1.04 12.40 3.29
N ARG B 90 -1.43 11.25 2.74
CA ARG B 90 -2.36 10.36 3.46
C ARG B 90 -1.80 9.97 4.82
N TYR B 91 -0.51 9.62 4.88
CA TYR B 91 0.08 9.22 6.15
C TYR B 91 0.05 10.35 7.17
N PHE B 92 0.51 11.54 6.76
CA PHE B 92 0.56 12.66 7.70
C PHE B 92 -0.84 13.14 8.09
N TYR B 93 -1.79 13.04 7.17
CA TYR B 93 -3.19 13.30 7.52
C TYR B 93 -3.68 12.31 8.58
N SER B 94 -3.28 11.04 8.47
CA SER B 94 -3.77 10.05 9.41
C SER B 94 -3.18 10.27 10.81
N THR B 95 -1.93 10.71 10.90
CA THR B 95 -1.36 10.95 12.23
C THR B 95 -1.69 12.32 12.81
N GLY B 96 -2.04 13.29 11.97
CA GLY B 96 -2.21 14.64 12.45
C GLY B 96 -0.95 15.33 12.95
N GLN B 97 0.23 14.79 12.67
CA GLN B 97 1.46 15.39 13.16
C GLN B 97 1.78 16.70 12.43
N SER B 98 2.66 17.50 13.03
CA SER B 98 2.98 18.81 12.48
C SER B 98 4.06 18.66 11.40
N VAL B 99 3.83 19.29 10.25
CA VAL B 99 4.73 19.12 9.12
C VAL B 99 5.04 20.49 8.52
N ARG B 100 6.08 20.50 7.69
CA ARG B 100 6.31 21.63 6.79
C ARG B 100 5.76 21.26 5.43
N ILE B 101 4.90 22.11 4.89
CA ILE B 101 4.34 21.89 3.57
C ILE B 101 5.05 22.84 2.61
N HIS B 102 5.51 22.31 1.48
CA HIS B 102 6.22 23.05 0.44
C HIS B 102 5.34 23.10 -0.79
N VAL B 103 5.19 24.29 -1.39
CA VAL B 103 4.35 24.45 -2.57
C VAL B 103 5.08 25.29 -3.60
N GLN B 104 4.62 25.22 -4.85
CA GLN B 104 4.92 26.24 -5.85
C GLN B 104 3.63 26.97 -6.19
N LYS B 105 3.66 28.29 -6.09
CA LYS B 105 2.42 29.03 -6.30
C LYS B 105 2.11 29.17 -7.78
N ASN B 106 0.83 29.43 -8.08
CA ASN B 106 0.39 29.82 -9.42
C ASN B 106 0.70 28.77 -10.47
N ILE B 107 0.40 27.51 -10.17
CA ILE B 107 0.60 26.42 -11.10
C ILE B 107 -0.71 25.97 -11.74
N TRP B 108 -1.74 25.68 -10.95
CA TRP B 108 -3.01 25.27 -11.51
C TRP B 108 -3.77 26.51 -11.98
N THR B 109 -4.36 26.41 -13.18
CA THR B 109 -5.05 27.56 -13.76
C THR B 109 -6.53 27.36 -14.01
N TYR B 110 -7.03 26.13 -13.97
CA TYR B 110 -8.46 25.90 -14.16
C TYR B 110 -9.24 26.72 -13.13
N PRO B 111 -10.08 27.66 -13.54
CA PRO B 111 -10.53 28.70 -12.59
C PRO B 111 -11.48 28.21 -11.52
N LEU B 112 -12.39 27.29 -11.86
CA LEU B 112 -13.30 26.77 -10.83
C LEU B 112 -12.53 25.91 -9.82
N PHE B 113 -11.58 25.13 -10.31
CA PHE B 113 -10.69 24.35 -9.46
C PHE B 113 -9.94 25.27 -8.48
N VAL B 114 -9.31 26.33 -9.00
CA VAL B 114 -8.57 27.27 -8.15
C VAL B 114 -9.50 27.94 -7.13
N ASN B 115 -10.68 28.36 -7.56
CA ASN B 115 -11.63 28.97 -6.63
C ASN B 115 -11.98 27.99 -5.51
N THR B 116 -12.14 26.71 -5.83
CA THR B 116 -12.50 25.71 -4.83
C THR B 116 -11.33 25.38 -3.92
N PHE B 117 -10.13 25.27 -4.51
CA PHE B 117 -8.95 24.80 -3.80
C PHE B 117 -7.92 25.91 -3.84
N SER B 118 -6.91 25.81 -4.69
CA SER B 118 -5.97 26.90 -4.89
C SER B 118 -5.15 26.58 -6.15
N ALA B 119 -4.28 27.51 -6.50
CA ALA B 119 -3.36 27.32 -7.61
C ALA B 119 -2.05 26.69 -7.17
N ASN B 120 -1.91 26.38 -5.88
CA ASN B 120 -0.66 25.86 -5.34
C ASN B 120 -0.46 24.41 -5.76
N ALA B 121 0.70 24.12 -6.35
CA ALA B 121 1.15 22.75 -6.53
C ALA B 121 1.90 22.30 -5.28
N LEU B 122 1.48 21.18 -4.71
CA LEU B 122 2.25 20.57 -3.62
C LEU B 122 3.57 20.00 -4.16
N VAL B 123 4.69 20.39 -3.57
CA VAL B 123 6.00 19.94 -4.05
C VAL B 123 6.84 19.24 -2.99
N GLY B 124 6.42 19.20 -1.73
CA GLY B 124 7.19 18.46 -0.74
C GLY B 124 6.47 18.45 0.60
N LEU B 125 6.84 17.47 1.43
CA LEU B 125 6.35 17.40 2.81
C LEU B 125 7.48 16.94 3.72
N SER B 126 7.61 17.60 4.88
CA SER B 126 8.70 17.35 5.82
C SER B 126 8.12 17.16 7.22
N SER B 127 8.55 16.11 7.93
CA SER B 127 8.15 16.02 9.34
C SER B 127 8.92 17.05 10.17
N CYS B 128 8.45 17.27 11.40
CA CYS B 128 9.00 18.31 12.25
C CYS B 128 9.10 17.79 13.67
N SER B 129 10.24 18.03 14.31
CA SER B 129 10.24 18.03 15.77
C SER B 129 9.60 19.33 16.26
N ALA B 130 9.56 19.52 17.58
CA ALA B 130 9.03 20.77 18.10
C ALA B 130 9.94 21.95 17.76
N THR B 131 11.21 21.70 17.48
CA THR B 131 12.15 22.78 17.22
C THR B 131 12.59 22.90 15.77
N GLN B 132 12.49 21.83 14.97
CA GLN B 132 13.05 21.89 13.63
C GLN B 132 12.29 20.97 12.69
N CYS B 133 11.92 21.48 11.52
CA CYS B 133 11.38 20.64 10.45
C CYS B 133 12.51 20.12 9.58
N PHE B 134 12.34 18.87 9.10
CA PHE B 134 13.39 18.14 8.37
C PHE B 134 13.19 18.34 6.88
N GLY B 135 13.64 19.50 6.38
CA GLY B 135 13.50 19.80 4.98
C GLY B 135 14.07 21.17 4.66
N PRO B 136 14.02 21.57 3.40
CA PRO B 136 14.65 22.83 3.01
C PRO B 136 13.94 24.02 3.61
N LYS B 137 14.73 25.08 3.84
CA LYS B 137 14.26 26.29 4.51
C LYS B 137 15.17 27.45 4.10
N LEU B 138 14.75 28.65 4.53
CA LEU B 138 15.28 29.95 4.07
C LEU B 138 14.80 30.15 2.64
N GLU C 24 6.97 -24.95 -11.97
CA GLU C 24 7.43 -24.87 -10.59
C GLU C 24 6.26 -24.48 -9.67
N TRP C 25 6.32 -24.91 -8.42
CA TRP C 25 5.25 -24.58 -7.48
C TRP C 25 5.86 -24.50 -6.10
N THR C 26 5.44 -23.50 -5.33
CA THR C 26 5.69 -23.41 -3.89
C THR C 26 5.57 -24.78 -3.23
N GLY C 27 4.58 -25.58 -3.64
CA GLY C 27 4.31 -26.85 -2.98
C GLY C 27 5.14 -28.04 -3.42
N ASP C 28 6.06 -27.88 -4.37
CA ASP C 28 6.85 -29.02 -4.85
C ASP C 28 7.64 -29.63 -3.70
N LYS C 29 7.79 -30.96 -3.73
CA LYS C 29 8.46 -31.64 -2.63
C LYS C 29 9.95 -31.34 -2.57
N THR C 30 10.52 -30.78 -3.62
CA THR C 30 11.92 -30.34 -3.61
C THR C 30 12.10 -29.00 -2.92
N ASN C 31 11.03 -28.36 -2.46
CA ASN C 31 11.16 -27.22 -1.56
C ASN C 31 11.04 -27.73 -0.12
N ALA C 32 11.40 -26.87 0.82
CA ALA C 32 11.34 -27.21 2.24
C ALA C 32 10.45 -26.19 2.94
N TYR C 33 9.83 -26.62 4.04
CA TYR C 33 8.99 -25.69 4.79
C TYR C 33 9.11 -25.95 6.28
N TYR C 34 8.73 -24.93 7.04
CA TYR C 34 8.84 -24.94 8.50
C TYR C 34 7.57 -24.29 9.04
N SER C 35 6.84 -25.01 9.89
CA SER C 35 5.57 -24.52 10.43
C SER C 35 5.75 -23.88 11.81
N ASP C 36 4.71 -23.18 12.25
CA ASP C 36 4.64 -22.66 13.61
C ASP C 36 5.76 -21.65 13.86
N GLU C 37 6.06 -20.85 12.85
CA GLU C 37 7.14 -19.87 12.89
C GLU C 37 6.56 -18.47 12.96
N VAL C 38 7.36 -17.52 13.45
CA VAL C 38 6.96 -16.12 13.46
C VAL C 38 8.07 -15.29 12.81
N ILE C 39 7.71 -14.39 11.90
CA ILE C 39 8.72 -13.51 11.31
C ILE C 39 9.16 -12.50 12.35
N SER C 40 10.44 -12.56 12.72
CA SER C 40 10.95 -11.73 13.81
C SER C 40 11.93 -10.65 13.36
N GLU C 41 12.43 -10.71 12.12
CA GLU C 41 13.31 -9.68 11.59
C GLU C 41 13.03 -9.54 10.10
N LEU C 42 13.32 -8.34 9.57
CA LEU C 42 13.13 -8.04 8.16
C LEU C 42 14.21 -7.05 7.72
N HIS C 43 14.77 -7.27 6.53
CA HIS C 43 15.85 -6.47 5.99
C HIS C 43 15.55 -6.19 4.53
N VAL C 44 15.83 -4.96 4.07
CA VAL C 44 15.72 -4.67 2.65
C VAL C 44 17.05 -4.13 2.14
N GLY C 45 17.41 -4.51 0.92
CA GLY C 45 18.63 -4.03 0.31
C GLY C 45 18.59 -4.15 -1.21
N GLN C 46 19.77 -4.09 -1.80
CA GLN C 46 19.95 -4.28 -3.24
C GLN C 46 21.24 -5.04 -3.47
N ILE C 47 21.25 -5.90 -4.49
CA ILE C 47 22.47 -6.60 -4.92
C ILE C 47 22.44 -6.78 -6.44
N ASP C 48 23.54 -6.42 -7.10
CA ASP C 48 23.70 -6.64 -8.54
C ASP C 48 22.50 -6.11 -9.33
N THR C 49 22.11 -4.87 -8.99
CA THR C 49 20.98 -4.08 -9.55
C THR C 49 19.61 -4.60 -9.16
N SER C 50 19.53 -5.62 -8.30
CA SER C 50 18.24 -6.17 -7.97
C SER C 50 17.87 -5.84 -6.53
N PRO C 51 16.73 -5.19 -6.30
CA PRO C 51 16.17 -5.13 -4.95
C PRO C 51 16.01 -6.52 -4.36
N TYR C 52 16.24 -6.65 -3.06
CA TYR C 52 16.00 -7.92 -2.39
C TYR C 52 15.53 -7.64 -0.98
N PHE C 53 14.94 -8.67 -0.36
CA PHE C 53 14.63 -8.59 1.07
C PHE C 53 14.90 -9.95 1.71
N CYS C 54 15.15 -9.94 3.02
CA CYS C 54 15.31 -11.17 3.77
C CYS C 54 14.45 -11.11 5.01
N ILE C 55 14.02 -12.27 5.46
CA ILE C 55 13.34 -12.39 6.74
C ILE C 55 14.03 -13.46 7.57
N LYS C 56 13.87 -13.34 8.89
CA LYS C 56 14.24 -14.36 9.84
C LYS C 56 12.97 -14.78 10.55
N THR C 57 12.77 -16.09 10.70
CA THR C 57 11.67 -16.59 11.50
C THR C 57 12.20 -17.45 12.62
N VAL C 58 11.46 -17.47 13.72
CA VAL C 58 11.74 -18.32 14.88
C VAL C 58 10.46 -19.04 15.28
N LYS C 59 10.63 -20.23 15.83
CA LYS C 59 9.46 -20.96 16.33
C LYS C 59 8.72 -20.12 17.35
N ALA C 60 7.40 -20.12 17.25
CA ALA C 60 6.58 -19.38 18.21
C ALA C 60 6.85 -19.83 19.63
N ASN C 61 7.15 -21.11 19.84
CA ASN C 61 7.35 -21.66 21.18
C ASN C 61 8.81 -21.60 21.65
N GLY C 62 9.72 -21.01 20.87
CA GLY C 62 11.09 -20.82 21.30
C GLY C 62 12.03 -21.96 21.00
N SER C 63 11.53 -23.11 20.56
CA SER C 63 12.38 -24.24 20.21
C SER C 63 13.10 -23.98 18.88
N GLY C 64 14.00 -24.89 18.53
CA GLY C 64 14.59 -24.93 17.21
C GLY C 64 15.61 -23.82 16.97
N THR C 65 16.05 -23.76 15.68
CA THR C 65 16.99 -22.82 15.09
C THR C 65 16.24 -21.87 14.15
N PRO C 66 16.62 -20.59 14.10
CA PRO C 66 15.94 -19.66 13.18
C PRO C 66 16.04 -20.09 11.73
N VAL C 67 15.02 -19.73 10.95
CA VAL C 67 15.02 -19.90 9.50
C VAL C 67 15.24 -18.53 8.86
N VAL C 68 16.17 -18.45 7.91
CA VAL C 68 16.41 -17.23 7.18
C VAL C 68 16.17 -17.51 5.70
N ALA C 69 15.44 -16.64 5.04
CA ALA C 69 15.25 -16.74 3.60
C ALA C 69 15.21 -15.36 2.98
N CYS C 70 15.62 -15.28 1.71
CA CYS C 70 15.62 -14.03 0.97
C CYS C 70 14.91 -14.23 -0.36
N ALA C 71 14.36 -13.14 -0.89
CA ALA C 71 13.86 -13.07 -2.25
C ALA C 71 14.61 -11.97 -2.97
N VAL C 72 15.04 -12.25 -4.19
CA VAL C 72 15.80 -11.31 -5.01
C VAL C 72 15.01 -11.01 -6.29
N SER C 73 14.79 -9.72 -6.54
CA SER C 73 13.73 -9.28 -7.45
C SER C 73 13.85 -9.84 -8.86
N LYS C 74 15.07 -9.97 -9.39
CA LYS C 74 15.10 -10.47 -10.76
C LYS C 74 16.00 -11.68 -10.92
N GLN C 75 16.10 -12.50 -9.87
CA GLN C 75 16.93 -13.69 -9.93
C GLN C 75 16.17 -14.90 -9.37
N SER C 76 16.50 -16.08 -9.90
CA SER C 76 15.90 -17.37 -9.59
C SER C 76 14.53 -17.50 -10.25
N ILE C 77 14.03 -18.74 -10.35
CA ILE C 77 12.72 -18.99 -10.91
C ILE C 77 11.61 -18.33 -10.10
N TRP C 78 11.90 -17.90 -8.87
CA TRP C 78 10.92 -17.29 -7.98
C TRP C 78 10.84 -15.78 -8.13
N ALA C 79 11.64 -15.19 -9.01
CA ALA C 79 11.56 -13.74 -9.26
C ALA C 79 10.15 -13.19 -9.43
N PRO C 80 9.22 -13.84 -10.13
CA PRO C 80 7.89 -13.21 -10.32
C PRO C 80 7.13 -12.90 -9.05
N SER C 81 7.33 -13.65 -7.97
CA SER C 81 6.52 -13.43 -6.77
C SER C 81 7.18 -12.50 -5.77
N PHE C 82 8.22 -11.76 -6.18
CA PHE C 82 8.97 -10.91 -5.25
C PHE C 82 8.05 -9.94 -4.52
N LYS C 83 7.29 -9.16 -5.27
CA LYS C 83 6.49 -8.11 -4.64
C LYS C 83 5.43 -8.70 -3.72
N GLU C 84 4.73 -9.74 -4.19
CA GLU C 84 3.66 -10.33 -3.40
C GLU C 84 4.20 -10.91 -2.10
N LEU C 85 5.35 -11.56 -2.16
CA LEU C 85 5.93 -12.13 -0.95
C LEU C 85 6.53 -11.06 -0.03
N LEU C 86 7.05 -9.96 -0.58
CA LEU C 86 7.51 -8.87 0.29
C LEU C 86 6.34 -8.28 1.05
N ASP C 87 5.24 -8.02 0.36
CA ASP C 87 4.05 -7.47 1.01
C ASP C 87 3.51 -8.44 2.06
N GLN C 88 3.51 -9.73 1.76
CA GLN C 88 2.98 -10.70 2.71
C GLN C 88 3.91 -10.88 3.90
N ALA C 89 5.23 -10.90 3.64
CA ALA C 89 6.21 -10.92 4.72
C ALA C 89 5.99 -9.75 5.66
N ARG C 90 5.76 -8.57 5.09
CA ARG C 90 5.53 -7.37 5.89
C ARG C 90 4.27 -7.51 6.73
N TYR C 91 3.19 -8.02 6.12
CA TYR C 91 1.95 -8.22 6.86
C TYR C 91 2.16 -9.17 8.04
N PHE C 92 2.71 -10.36 7.79
CA PHE C 92 2.86 -11.35 8.84
C PHE C 92 3.85 -10.89 9.90
N TYR C 93 4.89 -10.16 9.50
CA TYR C 93 5.80 -9.55 10.47
C TYR C 93 5.05 -8.58 11.38
N SER C 94 4.14 -7.79 10.83
CA SER C 94 3.44 -6.79 11.63
C SER C 94 2.41 -7.40 12.56
N THR C 95 1.82 -8.55 12.21
CA THR C 95 0.89 -9.19 13.12
C THR C 95 1.56 -10.13 14.11
N GLY C 96 2.76 -10.64 13.80
CA GLY C 96 3.40 -11.62 14.66
C GLY C 96 2.70 -12.97 14.74
N GLN C 97 1.83 -13.28 13.78
CA GLN C 97 1.10 -14.53 13.87
C GLN C 97 1.94 -15.69 13.38
N SER C 98 1.54 -16.88 13.78
CA SER C 98 2.25 -18.10 13.41
C SER C 98 2.02 -18.44 11.94
N VAL C 99 3.11 -18.75 11.23
CA VAL C 99 3.08 -19.02 9.80
C VAL C 99 3.92 -20.25 9.50
N ARG C 100 3.73 -20.77 8.28
CA ARG C 100 4.60 -21.77 7.67
C ARG C 100 5.38 -21.07 6.57
N ILE C 101 6.71 -21.13 6.66
CA ILE C 101 7.58 -20.52 5.67
C ILE C 101 8.05 -21.60 4.72
N HIS C 102 7.95 -21.32 3.42
CA HIS C 102 8.33 -22.25 2.34
C HIS C 102 9.55 -21.68 1.64
N VAL C 103 10.60 -22.50 1.50
CA VAL C 103 11.84 -22.05 0.90
C VAL C 103 12.31 -23.07 -0.12
N GLN C 104 13.21 -22.64 -1.00
CA GLN C 104 14.03 -23.56 -1.78
C GLN C 104 15.47 -23.38 -1.33
N LYS C 105 16.08 -24.46 -0.87
CA LYS C 105 17.42 -24.39 -0.32
C LYS C 105 18.46 -24.22 -1.43
N ASN C 106 19.61 -23.66 -1.06
CA ASN C 106 20.82 -23.67 -1.90
C ASN C 106 20.65 -22.89 -3.20
N ILE C 107 20.03 -21.70 -3.11
CA ILE C 107 19.79 -20.88 -4.29
C ILE C 107 20.78 -19.72 -4.38
N TRP C 108 20.89 -18.92 -3.33
CA TRP C 108 21.79 -17.77 -3.38
C TRP C 108 23.24 -18.23 -3.20
N THR C 109 24.17 -17.52 -3.85
CA THR C 109 25.55 -18.00 -3.90
C THR C 109 26.63 -16.99 -3.50
N TYR C 110 26.37 -15.69 -3.46
CA TYR C 110 27.44 -14.76 -3.07
C TYR C 110 27.83 -15.01 -1.61
N PRO C 111 29.06 -15.42 -1.32
CA PRO C 111 29.35 -15.94 0.02
C PRO C 111 29.09 -14.95 1.16
N LEU C 112 29.51 -13.68 1.03
CA LEU C 112 29.27 -12.76 2.13
C LEU C 112 27.78 -12.53 2.36
N PHE C 113 26.99 -12.61 1.29
CA PHE C 113 25.53 -12.53 1.39
C PHE C 113 24.96 -13.76 2.09
N VAL C 114 25.41 -14.96 1.65
CA VAL C 114 24.90 -16.19 2.24
C VAL C 114 25.26 -16.28 3.71
N ASN C 115 26.46 -15.82 4.05
CA ASN C 115 26.90 -15.93 5.44
C ASN C 115 26.22 -14.89 6.32
N THR C 116 25.81 -13.75 5.74
CA THR C 116 25.00 -12.78 6.47
C THR C 116 23.59 -13.32 6.69
N PHE C 117 23.02 -13.95 5.64
CA PHE C 117 21.63 -14.33 5.62
C PHE C 117 21.59 -15.84 5.45
N SER C 118 21.29 -16.34 4.26
CA SER C 118 21.36 -17.77 3.95
C SER C 118 21.23 -17.92 2.44
N ALA C 119 21.29 -19.17 1.98
CA ALA C 119 21.09 -19.51 0.57
C ALA C 119 19.62 -19.78 0.25
N ASN C 120 18.75 -19.72 1.25
CA ASN C 120 17.33 -20.04 1.04
C ASN C 120 16.62 -18.97 0.22
N ALA C 121 15.97 -19.42 -0.85
CA ALA C 121 15.01 -18.57 -1.55
C ALA C 121 13.65 -18.69 -0.87
N LEU C 122 12.99 -17.55 -0.63
CA LEU C 122 11.62 -17.55 -0.10
C LEU C 122 10.63 -17.83 -1.23
N VAL C 123 9.81 -18.87 -1.08
CA VAL C 123 8.88 -19.25 -2.14
C VAL C 123 7.42 -19.30 -1.69
N GLY C 124 7.12 -19.08 -0.41
CA GLY C 124 5.72 -19.05 0.02
C GLY C 124 5.60 -18.77 1.51
N LEU C 125 4.43 -18.22 1.88
CA LEU C 125 4.06 -18.01 3.28
C LEU C 125 2.61 -18.43 3.50
N SER C 126 2.35 -19.19 4.57
CA SER C 126 1.03 -19.72 4.86
C SER C 126 0.69 -19.42 6.32
N SER C 127 -0.53 -18.93 6.56
CA SER C 127 -0.96 -18.75 7.94
C SER C 127 -1.18 -20.11 8.61
N CYS C 128 -0.96 -20.16 9.92
CA CYS C 128 -1.02 -21.39 10.69
C CYS C 128 -1.97 -21.22 11.87
N SER C 129 -2.86 -22.19 12.05
CA SER C 129 -3.66 -22.26 13.26
C SER C 129 -2.90 -23.12 14.29
N ALA C 130 -3.61 -23.60 15.30
CA ALA C 130 -2.95 -24.32 16.38
C ALA C 130 -2.37 -25.64 15.89
N THR C 131 -3.15 -26.39 15.11
CA THR C 131 -2.77 -27.75 14.74
C THR C 131 -2.32 -27.91 13.29
N GLN C 132 -2.61 -26.95 12.42
CA GLN C 132 -2.32 -27.12 11.00
C GLN C 132 -2.01 -25.76 10.39
N CYS C 133 -1.53 -25.78 9.15
CA CYS C 133 -1.29 -24.55 8.39
C CYS C 133 -1.99 -24.63 7.05
N PHE C 134 -2.31 -23.47 6.49
CA PHE C 134 -3.11 -23.39 5.26
C PHE C 134 -2.16 -23.27 4.06
N GLY C 135 -1.73 -24.41 3.55
CA GLY C 135 -0.78 -24.40 2.48
C GLY C 135 -0.27 -25.79 2.25
N PRO C 136 0.57 -25.97 1.24
CA PRO C 136 1.07 -27.31 0.92
C PRO C 136 1.92 -27.86 2.05
N LYS C 137 1.89 -29.19 2.19
CA LYS C 137 2.69 -29.88 3.21
C LYS C 137 2.93 -31.34 2.87
N GLU D 24 -18.33 -11.41 -18.95
CA GLU D 24 -18.26 -12.07 -17.65
C GLU D 24 -18.45 -11.05 -16.52
N TRP D 25 -18.91 -11.52 -15.38
CA TRP D 25 -19.14 -10.64 -14.24
C TRP D 25 -19.12 -11.46 -12.97
N THR D 26 -18.54 -10.89 -11.92
CA THR D 26 -18.61 -11.44 -10.57
C THR D 26 -20.02 -11.94 -10.27
N GLY D 27 -21.03 -11.17 -10.65
CA GLY D 27 -22.41 -11.45 -10.35
C GLY D 27 -23.14 -12.39 -11.30
N ASP D 28 -22.47 -12.98 -12.29
CA ASP D 28 -23.11 -13.97 -13.14
C ASP D 28 -23.71 -15.11 -12.30
N LYS D 29 -24.91 -15.57 -12.69
CA LYS D 29 -25.60 -16.61 -11.95
C LYS D 29 -24.87 -17.95 -12.02
N THR D 30 -23.99 -18.12 -13.00
CA THR D 30 -23.19 -19.33 -13.09
C THR D 30 -22.06 -19.37 -12.08
N ASN D 31 -21.84 -18.29 -11.35
CA ASN D 31 -20.85 -18.29 -10.28
C ASN D 31 -21.52 -18.73 -8.98
N ALA D 32 -20.72 -18.97 -7.96
CA ALA D 32 -21.21 -19.38 -6.66
C ALA D 32 -20.80 -18.35 -5.61
N TYR D 33 -21.66 -18.13 -4.61
CA TYR D 33 -21.27 -17.23 -3.53
C TYR D 33 -21.69 -17.82 -2.20
N TYR D 34 -21.02 -17.37 -1.15
CA TYR D 34 -21.22 -17.84 0.22
C TYR D 34 -21.19 -16.63 1.13
N SER D 35 -22.28 -16.40 1.88
CA SER D 35 -22.46 -15.20 2.67
C SER D 35 -22.11 -15.46 4.14
N ASP D 36 -21.95 -14.37 4.88
CA ASP D 36 -21.73 -14.42 6.33
C ASP D 36 -20.49 -15.24 6.68
N GLU D 37 -19.44 -15.07 5.87
CA GLU D 37 -18.17 -15.78 6.02
C GLU D 37 -17.11 -14.88 6.62
N VAL D 38 -16.10 -15.49 7.22
CA VAL D 38 -14.93 -14.76 7.70
C VAL D 38 -13.71 -15.36 7.02
N ILE D 39 -12.81 -14.52 6.51
CA ILE D 39 -11.58 -15.03 5.92
C ILE D 39 -10.68 -15.48 7.07
N SER D 40 -10.42 -16.79 7.16
CA SER D 40 -9.74 -17.34 8.32
C SER D 40 -8.29 -17.72 8.08
N GLU D 41 -7.89 -17.92 6.82
CA GLU D 41 -6.51 -18.26 6.51
C GLU D 41 -6.14 -17.60 5.19
N LEU D 42 -4.84 -17.34 5.01
CA LEU D 42 -4.31 -16.68 3.83
C LEU D 42 -2.96 -17.30 3.46
N HIS D 43 -2.76 -17.58 2.17
CA HIS D 43 -1.53 -18.21 1.71
C HIS D 43 -1.08 -17.49 0.44
N VAL D 44 0.23 -17.26 0.31
CA VAL D 44 0.80 -16.63 -0.88
C VAL D 44 1.93 -17.50 -1.38
N GLY D 45 2.01 -17.67 -2.69
CA GLY D 45 3.04 -18.49 -3.27
C GLY D 45 3.17 -18.17 -4.74
N GLN D 46 3.75 -19.13 -5.48
CA GLN D 46 3.95 -18.97 -6.92
C GLN D 46 3.71 -20.31 -7.61
N ILE D 47 3.13 -20.26 -8.80
CA ILE D 47 2.95 -21.47 -9.60
C ILE D 47 3.04 -21.08 -11.08
N ASP D 48 3.85 -21.84 -11.82
CA ASP D 48 3.94 -21.70 -13.28
C ASP D 48 4.13 -20.25 -13.71
N THR D 49 5.12 -19.61 -13.06
CA THR D 49 5.58 -18.24 -13.22
C THR D 49 4.63 -17.22 -12.60
N SER D 50 3.54 -17.63 -11.95
CA SER D 50 2.50 -16.70 -11.48
C SER D 50 2.50 -16.64 -9.96
N PRO D 51 2.73 -15.48 -9.36
CA PRO D 51 2.37 -15.33 -7.95
C PRO D 51 0.88 -15.59 -7.80
N TYR D 52 0.50 -16.20 -6.69
CA TYR D 52 -0.92 -16.45 -6.47
C TYR D 52 -1.20 -16.33 -4.99
N PHE D 53 -2.48 -16.22 -4.65
CA PHE D 53 -2.88 -16.36 -3.26
C PHE D 53 -4.13 -17.20 -3.18
N CYS D 54 -4.30 -17.84 -2.01
CA CYS D 54 -5.54 -18.54 -1.68
C CYS D 54 -6.03 -18.07 -0.31
N ILE D 55 -7.33 -18.16 -0.11
CA ILE D 55 -7.94 -17.89 1.18
C ILE D 55 -8.86 -19.05 1.53
N LYS D 56 -8.97 -19.30 2.83
CA LYS D 56 -10.01 -20.15 3.40
C LYS D 56 -10.99 -19.24 4.13
N THR D 57 -12.29 -19.52 4.01
CA THR D 57 -13.30 -18.80 4.76
C THR D 57 -14.19 -19.79 5.49
N VAL D 58 -14.70 -19.37 6.64
CA VAL D 58 -15.65 -20.17 7.42
C VAL D 58 -16.77 -19.26 7.90
N LYS D 59 -17.92 -19.87 8.14
CA LYS D 59 -19.08 -19.09 8.60
C LYS D 59 -18.73 -18.33 9.87
N ALA D 60 -19.23 -17.10 9.96
CA ALA D 60 -18.98 -16.30 11.16
C ALA D 60 -19.57 -16.93 12.42
N ASN D 61 -20.66 -17.68 12.28
CA ASN D 61 -21.26 -18.32 13.45
C ASN D 61 -20.69 -19.72 13.71
N GLY D 62 -19.67 -20.14 12.98
CA GLY D 62 -19.02 -21.41 13.24
C GLY D 62 -19.67 -22.62 12.61
N SER D 63 -20.74 -22.47 11.84
CA SER D 63 -21.41 -23.60 11.24
C SER D 63 -20.82 -23.90 9.86
N GLY D 64 -21.30 -24.99 9.26
CA GLY D 64 -20.93 -25.35 7.91
C GLY D 64 -19.50 -25.85 7.74
N THR D 65 -19.10 -25.95 6.47
CA THR D 65 -17.78 -26.39 6.05
C THR D 65 -17.05 -25.23 5.36
N PRO D 66 -15.73 -25.21 5.43
CA PRO D 66 -14.98 -24.07 4.89
C PRO D 66 -15.03 -23.97 3.38
N VAL D 67 -14.88 -22.74 2.88
CA VAL D 67 -14.73 -22.45 1.45
C VAL D 67 -13.28 -22.10 1.17
N VAL D 68 -12.75 -22.57 0.04
CA VAL D 68 -11.38 -22.27 -0.35
C VAL D 68 -11.40 -21.74 -1.79
N ALA D 69 -10.64 -20.68 -2.04
CA ALA D 69 -10.57 -20.11 -3.37
C ALA D 69 -9.21 -19.46 -3.56
N CYS D 70 -8.73 -19.47 -4.79
CA CYS D 70 -7.44 -18.88 -5.12
C CYS D 70 -7.59 -17.89 -6.27
N ALA D 71 -6.66 -16.93 -6.33
CA ALA D 71 -6.51 -16.05 -7.47
C ALA D 71 -5.08 -16.17 -7.95
N VAL D 72 -4.87 -16.34 -9.26
CA VAL D 72 -3.56 -16.63 -9.83
C VAL D 72 -3.22 -15.54 -10.84
N SER D 73 -2.12 -14.84 -10.59
CA SER D 73 -1.78 -13.56 -11.20
C SER D 73 -2.15 -13.35 -12.67
N LYS D 74 -1.53 -14.10 -13.58
CA LYS D 74 -1.76 -13.89 -15.01
C LYS D 74 -2.50 -15.08 -15.61
N GLN D 75 -3.46 -15.62 -14.87
CA GLN D 75 -4.14 -16.86 -15.24
C GLN D 75 -5.63 -16.72 -15.05
N SER D 76 -6.40 -17.25 -16.02
CA SER D 76 -7.87 -17.25 -16.05
C SER D 76 -8.41 -15.91 -16.48
N ILE D 77 -9.70 -15.86 -16.86
CA ILE D 77 -10.31 -14.60 -17.25
C ILE D 77 -10.29 -13.58 -16.13
N TRP D 78 -10.11 -14.03 -14.89
CA TRP D 78 -10.15 -13.14 -13.72
C TRP D 78 -8.82 -12.49 -13.43
N ALA D 79 -7.79 -12.78 -14.22
CA ALA D 79 -6.46 -12.22 -13.99
C ALA D 79 -6.41 -10.70 -13.83
N PRO D 80 -7.19 -9.88 -14.57
CA PRO D 80 -7.07 -8.42 -14.39
C PRO D 80 -7.33 -7.96 -12.96
N SER D 81 -8.09 -8.72 -12.17
CA SER D 81 -8.48 -8.29 -10.85
C SER D 81 -7.58 -8.85 -9.76
N PHE D 82 -6.48 -9.50 -10.13
CA PHE D 82 -5.66 -10.20 -9.14
C PHE D 82 -5.23 -9.27 -8.01
N LYS D 83 -4.64 -8.11 -8.36
CA LYS D 83 -4.16 -7.19 -7.34
C LYS D 83 -5.30 -6.62 -6.50
N GLU D 84 -6.41 -6.28 -7.15
CA GLU D 84 -7.56 -5.73 -6.41
C GLU D 84 -8.09 -6.73 -5.39
N LEU D 85 -8.19 -8.00 -5.78
CA LEU D 85 -8.71 -9.03 -4.89
C LEU D 85 -7.71 -9.37 -3.79
N LEU D 86 -6.41 -9.37 -4.11
CA LEU D 86 -5.41 -9.62 -3.07
C LEU D 86 -5.45 -8.52 -2.02
N ASP D 87 -5.50 -7.26 -2.46
CA ASP D 87 -5.58 -6.16 -1.50
C ASP D 87 -6.86 -6.25 -0.68
N GLN D 88 -7.98 -6.59 -1.31
CA GLN D 88 -9.22 -6.65 -0.56
C GLN D 88 -9.24 -7.85 0.38
N ALA D 89 -8.77 -9.02 -0.07
CA ALA D 89 -8.71 -10.18 0.81
C ALA D 89 -7.86 -9.87 2.05
N ARG D 90 -6.71 -9.23 1.84
CA ARG D 90 -5.86 -8.86 2.98
C ARG D 90 -6.60 -7.96 3.96
N TYR D 91 -7.35 -6.97 3.45
CA TYR D 91 -8.05 -6.09 4.36
C TYR D 91 -9.10 -6.86 5.16
N PHE D 92 -9.95 -7.62 4.46
CA PHE D 92 -11.02 -8.32 5.16
C PHE D 92 -10.46 -9.39 6.08
N TYR D 93 -9.35 -10.02 5.69
CA TYR D 93 -8.62 -10.92 6.60
C TYR D 93 -8.20 -10.20 7.86
N SER D 94 -7.66 -8.98 7.72
CA SER D 94 -7.13 -8.28 8.89
C SER D 94 -8.24 -7.86 9.86
N THR D 95 -9.43 -7.55 9.35
CA THR D 95 -10.51 -7.14 10.25
C THR D 95 -11.32 -8.30 10.80
N GLY D 96 -11.38 -9.42 10.08
CA GLY D 96 -12.24 -10.51 10.52
C GLY D 96 -13.72 -10.24 10.36
N GLN D 97 -14.10 -9.26 9.55
CA GLN D 97 -15.51 -8.95 9.41
C GLN D 97 -16.20 -9.96 8.50
N SER D 98 -17.52 -10.01 8.61
CA SER D 98 -18.33 -10.93 7.80
C SER D 98 -18.40 -10.46 6.36
N VAL D 99 -18.20 -11.40 5.43
CA VAL D 99 -18.14 -11.07 4.01
C VAL D 99 -18.88 -12.13 3.22
N ARG D 100 -19.20 -11.79 1.98
CA ARG D 100 -19.63 -12.76 0.99
C ARG D 100 -18.49 -12.99 0.02
N ILE D 101 -18.11 -14.25 -0.17
CA ILE D 101 -17.07 -14.62 -1.12
C ILE D 101 -17.75 -15.14 -2.38
N HIS D 102 -17.30 -14.63 -3.53
CA HIS D 102 -17.81 -15.04 -4.84
C HIS D 102 -16.72 -15.82 -5.57
N VAL D 103 -17.08 -16.99 -6.11
CA VAL D 103 -16.11 -17.82 -6.80
C VAL D 103 -16.69 -18.30 -8.12
N GLN D 104 -15.80 -18.75 -9.02
CA GLN D 104 -16.17 -19.57 -10.16
C GLN D 104 -15.55 -20.95 -9.99
N LYS D 105 -16.39 -21.99 -10.03
CA LYS D 105 -15.89 -23.32 -9.77
C LYS D 105 -15.10 -23.85 -10.96
N ASN D 106 -14.23 -24.84 -10.69
CA ASN D 106 -13.62 -25.67 -11.73
C ASN D 106 -12.80 -24.85 -12.73
N ILE D 107 -11.93 -23.98 -12.22
CA ILE D 107 -11.03 -23.18 -13.05
C ILE D 107 -9.60 -23.73 -13.03
N TRP D 108 -9.01 -23.87 -11.85
CA TRP D 108 -7.66 -24.41 -11.76
C TRP D 108 -7.68 -25.91 -12.05
N THR D 109 -6.70 -26.39 -12.84
CA THR D 109 -6.72 -27.78 -13.29
C THR D 109 -5.59 -28.64 -12.76
N TYR D 110 -4.50 -28.04 -12.28
N TYR D 110 -4.50 -28.04 -12.25
CA TYR D 110 -3.39 -28.81 -11.70
CA TYR D 110 -3.38 -28.78 -11.70
C TYR D 110 -3.91 -29.64 -10.54
C TYR D 110 -3.84 -29.63 -10.50
N PRO D 111 -3.87 -30.97 -10.61
CA PRO D 111 -4.50 -31.77 -9.54
C PRO D 111 -3.87 -31.62 -8.16
N LEU D 112 -2.54 -31.56 -8.05
CA LEU D 112 -1.93 -31.37 -6.74
C LEU D 112 -2.34 -30.03 -6.14
N PHE D 113 -2.33 -28.97 -6.96
CA PHE D 113 -2.79 -27.66 -6.51
C PHE D 113 -4.24 -27.71 -6.04
N VAL D 114 -5.12 -28.27 -6.88
CA VAL D 114 -6.54 -28.40 -6.54
C VAL D 114 -6.72 -29.19 -5.25
N ASN D 115 -5.98 -30.29 -5.11
CA ASN D 115 -6.08 -31.14 -3.92
C ASN D 115 -5.62 -30.41 -2.67
N THR D 116 -4.60 -29.55 -2.80
CA THR D 116 -4.15 -28.77 -1.65
C THR D 116 -5.14 -27.67 -1.32
N PHE D 117 -5.62 -26.95 -2.35
CA PHE D 117 -6.49 -25.81 -2.14
C PHE D 117 -7.85 -26.14 -2.70
N SER D 118 -8.21 -25.67 -3.89
CA SER D 118 -9.43 -26.05 -4.59
C SER D 118 -9.31 -25.55 -6.02
N ALA D 119 -10.30 -25.90 -6.84
CA ALA D 119 -10.36 -25.39 -8.21
C ALA D 119 -11.10 -24.06 -8.30
N ASN D 120 -11.56 -23.52 -7.17
CA ASN D 120 -12.31 -22.27 -7.21
C ASN D 120 -11.41 -21.08 -7.55
N ALA D 121 -11.84 -20.30 -8.53
CA ALA D 121 -11.26 -18.96 -8.73
C ALA D 121 -12.04 -17.96 -7.88
N LEU D 122 -11.31 -17.15 -7.11
CA LEU D 122 -11.94 -16.03 -6.42
C LEU D 122 -12.30 -14.94 -7.42
N VAL D 123 -13.55 -14.48 -7.41
CA VAL D 123 -14.01 -13.50 -8.39
C VAL D 123 -14.65 -12.27 -7.78
N GLY D 124 -14.85 -12.24 -6.46
CA GLY D 124 -15.34 -11.02 -5.81
C GLY D 124 -15.42 -11.19 -4.31
N LEU D 125 -15.49 -10.06 -3.62
CA LEU D 125 -15.65 -10.01 -2.17
C LEU D 125 -16.59 -8.87 -1.81
N SER D 126 -17.53 -9.13 -0.90
CA SER D 126 -18.55 -8.16 -0.51
C SER D 126 -18.65 -8.10 1.00
N SER D 127 -18.72 -6.89 1.57
CA SER D 127 -18.95 -6.80 3.00
C SER D 127 -20.40 -7.18 3.32
N CYS D 128 -20.60 -7.77 4.50
CA CYS D 128 -21.93 -8.19 4.95
C CYS D 128 -22.26 -7.51 6.25
N SER D 129 -23.46 -6.94 6.34
CA SER D 129 -23.98 -6.55 7.63
C SER D 129 -24.64 -7.76 8.30
N ALA D 130 -25.23 -7.53 9.46
CA ALA D 130 -26.03 -8.58 10.08
C ALA D 130 -27.20 -8.96 9.19
N THR D 131 -27.72 -7.99 8.43
CA THR D 131 -28.92 -8.13 7.61
C THR D 131 -28.63 -8.68 6.22
N GLN D 132 -27.71 -8.06 5.48
CA GLN D 132 -27.48 -8.44 4.10
C GLN D 132 -26.01 -8.25 3.74
N CYS D 133 -25.68 -8.58 2.49
CA CYS D 133 -24.35 -8.41 1.96
C CYS D 133 -24.43 -7.49 0.75
N PHE D 134 -23.38 -6.69 0.57
CA PHE D 134 -23.36 -5.64 -0.45
C PHE D 134 -22.69 -6.20 -1.70
N GLY D 135 -23.46 -6.91 -2.50
CA GLY D 135 -22.94 -7.54 -3.69
C GLY D 135 -24.02 -8.35 -4.38
N PRO D 136 -23.69 -8.93 -5.52
CA PRO D 136 -24.70 -9.69 -6.27
C PRO D 136 -25.17 -10.91 -5.51
N LYS D 137 -26.43 -11.28 -5.75
CA LYS D 137 -27.10 -12.33 -4.98
C LYS D 137 -27.71 -13.35 -5.93
N GLU E 24 -13.52 17.68 -18.14
CA GLU E 24 -14.33 17.11 -17.08
C GLU E 24 -13.68 17.36 -15.72
N TRP E 25 -14.52 17.49 -14.69
CA TRP E 25 -14.01 17.74 -13.35
C TRP E 25 -15.02 17.18 -12.36
N THR E 26 -14.51 16.56 -11.29
CA THR E 26 -15.31 16.13 -10.15
C THR E 26 -16.36 17.18 -9.75
N GLY E 27 -15.97 18.45 -9.76
CA GLY E 27 -16.80 19.53 -9.27
C GLY E 27 -17.78 20.08 -10.29
N ASP E 28 -17.85 19.48 -11.47
CA ASP E 28 -18.77 19.97 -12.49
C ASP E 28 -20.20 19.98 -11.94
N LYS E 29 -20.95 21.00 -12.36
CA LYS E 29 -22.33 21.16 -11.90
C LYS E 29 -23.19 19.99 -12.32
N THR E 30 -22.86 19.34 -13.44
CA THR E 30 -23.63 18.19 -13.92
C THR E 30 -23.39 16.91 -13.10
N ASN E 31 -22.48 16.94 -12.12
CA ASN E 31 -22.34 15.84 -11.19
C ASN E 31 -23.21 16.10 -9.97
N ALA E 32 -23.30 15.11 -9.08
CA ALA E 32 -24.10 15.25 -7.87
C ALA E 32 -23.26 14.83 -6.68
N TYR E 33 -23.55 15.42 -5.50
CA TYR E 33 -22.79 15.06 -4.32
C TYR E 33 -23.69 15.02 -3.09
N TYR E 34 -23.22 14.30 -2.07
CA TYR E 34 -23.96 14.09 -0.83
C TYR E 34 -22.97 14.22 0.31
N SER E 35 -23.25 15.13 1.24
CA SER E 35 -22.33 15.42 2.32
C SER E 35 -22.72 14.67 3.59
N ASP E 36 -21.79 14.66 4.55
CA ASP E 36 -22.04 14.10 5.88
C ASP E 36 -22.43 12.62 5.79
N GLU E 37 -21.76 11.89 4.92
CA GLU E 37 -21.99 10.48 4.68
C GLU E 37 -20.84 9.65 5.27
N VAL E 38 -21.13 8.38 5.60
CA VAL E 38 -20.11 7.43 6.02
C VAL E 38 -20.15 6.24 5.08
N ILE E 39 -18.98 5.75 4.69
CA ILE E 39 -18.91 4.60 3.80
C ILE E 39 -19.18 3.36 4.65
N SER E 40 -20.33 2.72 4.42
CA SER E 40 -20.77 1.64 5.29
C SER E 40 -20.58 0.26 4.68
N GLU E 41 -20.38 0.15 3.36
CA GLU E 41 -20.17 -1.14 2.70
C GLU E 41 -19.19 -0.99 1.54
N LEU E 42 -18.48 -2.07 1.24
CA LEU E 42 -17.49 -2.06 0.18
C LEU E 42 -17.50 -3.41 -0.55
N HIS E 43 -17.39 -3.37 -1.87
CA HIS E 43 -17.45 -4.55 -2.72
C HIS E 43 -16.43 -4.39 -3.83
N VAL E 44 -15.70 -5.47 -4.13
CA VAL E 44 -14.78 -5.50 -5.26
C VAL E 44 -15.11 -6.69 -6.13
N GLY E 45 -14.97 -6.51 -7.44
CA GLY E 45 -15.28 -7.55 -8.40
C GLY E 45 -14.66 -7.23 -9.74
N GLN E 46 -15.13 -7.95 -10.76
CA GLN E 46 -14.69 -7.76 -12.14
C GLN E 46 -15.89 -7.83 -13.07
N ILE E 47 -15.86 -7.03 -14.13
CA ILE E 47 -16.89 -7.11 -15.17
C ILE E 47 -16.28 -6.75 -16.50
N ASP E 48 -16.48 -7.60 -17.51
CA ASP E 48 -16.03 -7.38 -18.88
C ASP E 48 -14.55 -6.98 -18.93
N THR E 49 -13.72 -7.80 -18.28
CA THR E 49 -12.26 -7.71 -18.18
C THR E 49 -11.79 -6.59 -17.27
N SER E 50 -12.69 -5.84 -16.64
CA SER E 50 -12.25 -4.70 -15.86
C SER E 50 -12.52 -4.94 -14.38
N PRO E 51 -11.51 -4.83 -13.52
CA PRO E 51 -11.80 -4.73 -12.09
C PRO E 51 -12.70 -3.52 -11.82
N TYR E 52 -13.54 -3.66 -10.80
CA TYR E 52 -14.40 -2.56 -10.38
C TYR E 52 -14.58 -2.69 -8.88
N PHE E 53 -15.05 -1.60 -8.27
CA PHE E 53 -15.48 -1.64 -6.89
C PHE E 53 -16.70 -0.74 -6.76
N CYS E 54 -17.48 -1.03 -5.73
CA CYS E 54 -18.64 -0.23 -5.35
C CYS E 54 -18.59 0.05 -3.87
N ILE E 55 -19.13 1.19 -3.48
CA ILE E 55 -19.31 1.54 -2.07
C ILE E 55 -20.76 1.92 -1.84
N LYS E 56 -21.24 1.67 -0.63
CA LYS E 56 -22.50 2.21 -0.14
C LYS E 56 -22.18 3.22 0.96
N THR E 57 -22.89 4.34 0.97
CA THR E 57 -22.75 5.33 2.04
C THR E 57 -24.12 5.63 2.63
N VAL E 58 -24.12 6.03 3.91
CA VAL E 58 -25.32 6.45 4.62
C VAL E 58 -24.98 7.68 5.44
N LYS E 59 -25.99 8.51 5.71
CA LYS E 59 -25.75 9.72 6.48
C LYS E 59 -25.20 9.36 7.84
N ALA E 60 -24.23 10.16 8.30
CA ALA E 60 -23.61 9.90 9.61
C ALA E 60 -24.63 9.91 10.74
N ASN E 61 -25.71 10.69 10.59
CA ASN E 61 -26.71 10.80 11.65
C ASN E 61 -27.81 9.76 11.56
N GLY E 62 -27.85 8.95 10.49
CA GLY E 62 -28.84 7.91 10.33
C GLY E 62 -30.05 8.28 9.50
N SER E 63 -30.22 9.56 9.16
CA SER E 63 -31.34 9.97 8.35
C SER E 63 -31.15 9.51 6.91
N GLY E 64 -32.13 9.82 6.07
CA GLY E 64 -31.95 9.67 4.63
C GLY E 64 -31.93 8.23 4.14
N THR E 65 -31.56 8.12 2.87
CA THR E 65 -31.54 6.95 2.00
C THR E 65 -30.10 6.69 1.55
N PRO E 66 -29.67 5.43 1.45
CA PRO E 66 -28.28 5.14 1.09
C PRO E 66 -27.93 5.66 -0.30
N VAL E 67 -26.65 5.97 -0.48
CA VAL E 67 -26.06 6.29 -1.78
C VAL E 67 -25.13 5.15 -2.18
N VAL E 68 -25.27 4.68 -3.41
CA VAL E 68 -24.42 3.62 -3.95
C VAL E 68 -23.72 4.18 -5.17
N ALA E 69 -22.41 3.94 -5.27
CA ALA E 69 -21.68 4.33 -6.47
C ALA E 69 -20.56 3.32 -6.71
N CYS E 70 -20.14 3.22 -7.96
CA CYS E 70 -19.10 2.28 -8.40
C CYS E 70 -18.10 2.99 -9.30
N ALA E 71 -16.88 2.47 -9.34
CA ALA E 71 -15.90 2.87 -10.34
C ALA E 71 -15.43 1.62 -11.07
N VAL E 72 -15.25 1.73 -12.38
CA VAL E 72 -14.93 0.60 -13.23
C VAL E 72 -13.64 0.93 -13.98
N SER E 73 -12.63 0.09 -13.78
CA SER E 73 -11.25 0.48 -14.10
C SER E 73 -11.07 0.92 -15.54
N LYS E 74 -11.78 0.29 -16.48
CA LYS E 74 -11.53 0.56 -17.89
C LYS E 74 -12.69 1.28 -18.58
N GLN E 75 -13.63 1.83 -17.81
CA GLN E 75 -14.89 2.32 -18.37
C GLN E 75 -15.20 3.73 -17.85
N SER E 76 -15.90 4.50 -18.69
CA SER E 76 -16.32 5.89 -18.45
C SER E 76 -15.16 6.86 -18.52
N ILE E 77 -15.48 8.16 -18.58
CA ILE E 77 -14.45 9.19 -18.61
C ILE E 77 -13.65 9.21 -17.31
N TRP E 78 -14.17 8.57 -16.27
CA TRP E 78 -13.55 8.57 -14.95
C TRP E 78 -12.60 7.41 -14.73
N ALA E 79 -12.38 6.56 -15.74
CA ALA E 79 -11.41 5.47 -15.66
C ALA E 79 -10.05 5.88 -15.10
N PRO E 80 -9.43 7.00 -15.50
CA PRO E 80 -8.07 7.31 -15.00
C PRO E 80 -7.97 7.40 -13.49
N SER E 81 -9.07 7.62 -12.77
CA SER E 81 -9.03 7.85 -11.33
C SER E 81 -9.34 6.62 -10.52
N PHE E 82 -9.44 5.45 -11.18
CA PHE E 82 -9.91 4.24 -10.50
C PHE E 82 -9.06 3.89 -9.29
N LYS E 83 -7.73 3.82 -9.45
CA LYS E 83 -6.91 3.35 -8.33
C LYS E 83 -6.92 4.34 -7.18
N GLU E 84 -6.87 5.64 -7.49
CA GLU E 84 -6.87 6.67 -6.46
C GLU E 84 -8.17 6.68 -5.67
N LEU E 85 -9.30 6.52 -6.36
CA LEU E 85 -10.57 6.47 -5.64
C LEU E 85 -10.74 5.16 -4.87
N LEU E 86 -10.25 4.04 -5.42
CA LEU E 86 -10.29 2.80 -4.65
C LEU E 86 -9.50 2.93 -3.36
N ASP E 87 -8.26 3.45 -3.47
CA ASP E 87 -7.45 3.64 -2.27
C ASP E 87 -8.11 4.59 -1.27
N GLN E 88 -8.68 5.70 -1.76
CA GLN E 88 -9.29 6.67 -0.86
C GLN E 88 -10.57 6.15 -0.23
N ALA E 89 -11.39 5.45 -1.02
CA ALA E 89 -12.59 4.79 -0.48
C ALA E 89 -12.25 3.82 0.64
N ARG E 90 -11.22 2.97 0.42
CA ARG E 90 -10.77 2.05 1.46
C ARG E 90 -10.34 2.79 2.72
N TYR E 91 -9.59 3.87 2.56
CA TYR E 91 -9.18 4.64 3.73
C TYR E 91 -10.38 5.16 4.50
N PHE E 92 -11.27 5.89 3.84
CA PHE E 92 -12.45 6.44 4.52
C PHE E 92 -13.35 5.34 5.06
N TYR E 93 -13.44 4.21 4.34
CA TYR E 93 -14.16 3.05 4.84
C TYR E 93 -13.56 2.54 6.13
N SER E 94 -12.23 2.53 6.23
CA SER E 94 -11.59 1.98 7.42
C SER E 94 -11.69 2.90 8.62
N THR E 95 -11.73 4.23 8.41
CA THR E 95 -11.90 5.16 9.52
C THR E 95 -13.35 5.41 9.89
N GLY E 96 -14.29 5.20 8.96
CA GLY E 96 -15.66 5.54 9.23
C GLY E 96 -15.94 7.02 9.36
N GLN E 97 -15.03 7.87 8.91
CA GLN E 97 -15.25 9.30 9.09
C GLN E 97 -16.26 9.84 8.09
N SER E 98 -16.78 11.04 8.38
CA SER E 98 -17.78 11.66 7.56
C SER E 98 -17.16 12.22 6.28
N VAL E 99 -17.82 11.99 5.14
CA VAL E 99 -17.27 12.38 3.85
C VAL E 99 -18.36 12.97 2.97
N ARG E 100 -17.94 13.67 1.94
CA ARG E 100 -18.81 14.05 0.84
C ARG E 100 -18.47 13.15 -0.33
N ILE E 101 -19.46 12.44 -0.84
CA ILE E 101 -19.28 11.55 -1.98
C ILE E 101 -19.80 12.26 -3.21
N HIS E 102 -19.01 12.26 -4.28
CA HIS E 102 -19.36 12.89 -5.55
C HIS E 102 -19.56 11.80 -6.59
N VAL E 103 -20.64 11.91 -7.37
CA VAL E 103 -21.02 10.90 -8.35
C VAL E 103 -21.45 11.59 -9.64
N GLN E 104 -21.45 10.82 -10.73
CA GLN E 104 -22.16 11.20 -11.95
C GLN E 104 -23.24 10.14 -12.20
N LYS E 105 -24.48 10.60 -12.32
CA LYS E 105 -25.61 9.68 -12.44
C LYS E 105 -25.69 9.10 -13.84
N ASN E 106 -26.34 7.93 -13.92
CA ASN E 106 -26.74 7.33 -15.20
C ASN E 106 -25.55 6.97 -16.07
N ILE E 107 -24.53 6.38 -15.48
CA ILE E 107 -23.35 6.01 -16.25
C ILE E 107 -23.37 4.53 -16.60
N TRP E 108 -23.47 3.66 -15.59
CA TRP E 108 -23.41 2.22 -15.86
C TRP E 108 -24.73 1.75 -16.43
N THR E 109 -24.64 0.76 -17.34
CA THR E 109 -25.80 0.39 -18.15
C THR E 109 -26.19 -1.09 -18.11
N TYR E 110 -25.32 -2.00 -17.67
CA TYR E 110 -25.71 -3.40 -17.59
C TYR E 110 -26.83 -3.56 -16.57
N PRO E 111 -28.04 -3.97 -16.97
CA PRO E 111 -29.17 -3.91 -16.04
C PRO E 111 -28.98 -4.68 -14.75
N LEU E 112 -28.44 -5.91 -14.80
CA LEU E 112 -28.23 -6.67 -13.57
C LEU E 112 -27.25 -5.97 -12.64
N PHE E 113 -26.19 -5.39 -13.20
CA PHE E 113 -25.24 -4.58 -12.43
C PHE E 113 -25.93 -3.38 -11.79
N VAL E 114 -26.67 -2.61 -12.60
CA VAL E 114 -27.35 -1.43 -12.08
C VAL E 114 -28.31 -1.80 -10.96
N ASN E 115 -28.99 -2.95 -11.11
CA ASN E 115 -29.99 -3.34 -10.11
C ASN E 115 -29.33 -3.81 -8.82
N THR E 116 -28.17 -4.47 -8.93
CA THR E 116 -27.43 -4.86 -7.74
C THR E 116 -26.87 -3.65 -7.02
N PHE E 117 -26.34 -2.68 -7.78
CA PHE E 117 -25.62 -1.55 -7.22
C PHE E 117 -26.36 -0.28 -7.63
N SER E 118 -25.90 0.43 -8.64
CA SER E 118 -26.62 1.57 -9.20
C SER E 118 -25.90 1.97 -10.48
N ALA E 119 -26.37 3.03 -11.12
CA ALA E 119 -25.72 3.56 -12.32
C ALA E 119 -24.78 4.72 -12.01
N ASN E 120 -24.63 5.08 -10.74
CA ASN E 120 -23.74 6.18 -10.36
C ASN E 120 -22.28 5.79 -10.47
N ALA E 121 -21.52 6.58 -11.22
CA ALA E 121 -20.06 6.50 -11.21
C ALA E 121 -19.51 7.34 -10.07
N LEU E 122 -18.54 6.78 -9.34
CA LEU E 122 -17.87 7.53 -8.28
C LEU E 122 -16.84 8.48 -8.93
N VAL E 123 -16.90 9.77 -8.58
CA VAL E 123 -15.99 10.71 -9.24
C VAL E 123 -15.17 11.54 -8.26
N GLY E 124 -15.47 11.46 -6.98
CA GLY E 124 -14.64 12.14 -6.00
C GLY E 124 -15.04 11.81 -4.58
N LEU E 125 -14.11 12.03 -3.65
CA LEU E 125 -14.35 11.85 -2.22
C LEU E 125 -13.68 12.98 -1.46
N SER E 126 -14.42 13.61 -0.55
CA SER E 126 -13.94 14.76 0.23
C SER E 126 -14.14 14.50 1.73
N SER E 127 -13.13 14.80 2.54
CA SER E 127 -13.31 14.73 3.99
C SER E 127 -14.22 15.85 4.46
N CYS E 128 -14.87 15.63 5.61
CA CYS E 128 -15.80 16.59 6.17
C CYS E 128 -15.50 16.83 7.64
N SER E 129 -16.05 17.96 8.12
CA SER E 129 -16.24 18.21 9.55
C SER E 129 -17.74 18.40 9.78
N ALA E 130 -18.12 19.05 10.88
CA ALA E 130 -19.52 19.10 11.25
C ALA E 130 -20.38 19.81 10.19
N THR E 131 -20.00 21.02 9.81
CA THR E 131 -20.83 21.83 8.95
C THR E 131 -20.30 21.90 7.51
N GLN E 132 -19.05 21.51 7.27
CA GLN E 132 -18.48 21.73 5.94
C GLN E 132 -17.54 20.59 5.56
N CYS E 133 -17.39 20.42 4.26
CA CYS E 133 -16.51 19.42 3.67
C CYS E 133 -15.51 20.12 2.75
N PHE E 134 -14.38 19.46 2.55
CA PHE E 134 -13.27 20.04 1.79
C PHE E 134 -13.36 19.56 0.34
N GLY E 135 -14.08 20.30 -0.49
CA GLY E 135 -14.26 19.90 -1.86
C GLY E 135 -15.31 20.75 -2.54
N PRO E 136 -15.55 20.50 -3.82
CA PRO E 136 -16.48 21.33 -4.59
C PRO E 136 -17.90 21.25 -4.04
N LYS E 137 -18.64 22.34 -4.21
CA LYS E 137 -20.02 22.45 -3.75
C LYS E 137 -20.73 23.63 -4.39
#